data_6UBW
#
_entry.id   6UBW
#
_cell.length_a   42.414
_cell.length_b   47.398
_cell.length_c   160.607
_cell.angle_alpha   90.000
_cell.angle_beta   90.000
_cell.angle_gamma   90.000
#
_symmetry.space_group_name_H-M   'P 21 21 21'
#
loop_
_entity.id
_entity.type
_entity.pdbx_description
1 polymer 'Hepatocyte growth factor receptor'
2 non-polymer N-(6-{difluoro[6-(1-methyl-1H-pyrazol-4-yl)[1,2,4]triazolo[4,3-a]pyridin-3-yl]methyl}imidazo[1,2-b]pyridazin-2-yl)cyclopropanecarboxamide
3 non-polymer 'CHLORIDE ION'
4 water water
#
_entity_poly.entity_id   1
_entity_poly.type   'polypeptide(L)'
_entity_poly.pdbx_seq_one_letter_code
;GAMGSQVQYPLTDMSPILTSGDSDISSPLLQNTVHIDLSALNPELVQAVQHVVIGPSSLIVHFNEVIGRGHFGCVYHGTL
LDNDGKKIHCAVKSLNRITDIGEVSQFLTEGIIMKDFSHPNVLSLLGICLRSEGSPLVVLPYMKHGDLRNFIRNETHNPT
VKDLIGFGLQVAKGMKYLASKKFVHRDLAARNCMLDEKFTVKVADFGLARDMYDKEYYSVHNKTGAKLPVKWMALESLQT
QKFTTKSDVWSFGVLLWELMTRGAPPYPDVNTFDITVYLLQGRRLLQPEYCPDPLYEVMLKCWHPKAEMRPSFSELVSRI
SAIFSTFIGEHYVHVNATYVNVK
;
_entity_poly.pdbx_strand_id   A
#
loop_
_chem_comp.id
_chem_comp.type
_chem_comp.name
_chem_comp.formula
84S non-polymer N-(6-{difluoro[6-(1-methyl-1H-pyrazol-4-yl)[1,2,4]triazolo[4,3-a]pyridin-3-yl]methyl}imidazo[1,2-b]pyridazin-2-yl)cyclopropanecarboxamide 'C21 H17 F2 N9 O'
CL non-polymer 'CHLORIDE ION' 'Cl -1'
#
# COMPACT_ATOMS: atom_id res chain seq x y z
N THR A 12 20.18 -13.07 -11.57
CA THR A 12 19.04 -12.46 -12.33
C THR A 12 19.54 -11.54 -13.47
N ASP A 13 18.77 -11.48 -14.56
CA ASP A 13 19.03 -10.54 -15.65
C ASP A 13 18.65 -9.13 -15.23
N MET A 14 19.63 -8.23 -15.24
CA MET A 14 19.36 -6.79 -15.02
C MET A 14 19.85 -5.85 -16.13
N SER A 15 20.80 -6.28 -16.96
CA SER A 15 21.13 -5.55 -18.18
C SER A 15 20.07 -5.83 -19.24
N PRO A 16 19.54 -4.78 -19.91
CA PRO A 16 18.59 -4.99 -21.00
C PRO A 16 19.10 -5.92 -22.12
N ILE A 17 18.18 -6.68 -22.70
CA ILE A 17 18.51 -7.64 -23.76
C ILE A 17 18.43 -6.94 -25.11
N ASN A 42 -0.21 -21.97 24.43
CA ASN A 42 1.12 -21.47 24.90
C ASN A 42 0.92 -20.32 25.91
N PRO A 43 1.16 -20.60 27.22
CA PRO A 43 0.96 -19.61 28.29
C PRO A 43 1.64 -18.26 28.11
N GLU A 44 2.84 -18.25 27.54
CA GLU A 44 3.57 -16.99 27.27
C GLU A 44 2.90 -16.16 26.17
N LEU A 45 2.47 -16.82 25.10
CA LEU A 45 1.74 -16.15 24.01
C LEU A 45 0.41 -15.55 24.48
N VAL A 46 -0.27 -16.25 25.40
CA VAL A 46 -1.53 -15.78 25.97
C VAL A 46 -1.31 -14.50 26.80
N GLN A 47 -0.28 -14.49 27.64
CA GLN A 47 0.06 -13.31 28.43
C GLN A 47 0.60 -12.17 27.55
N ALA A 48 1.39 -12.51 26.54
CA ALA A 48 1.99 -11.52 25.65
C ALA A 48 0.99 -10.81 24.72
N VAL A 49 -0.18 -11.43 24.48
CA VAL A 49 -1.22 -10.87 23.61
C VAL A 49 -2.29 -10.07 24.38
N GLN A 50 -2.19 -9.99 25.70
CA GLN A 50 -3.21 -9.33 26.53
C GLN A 50 -3.47 -7.85 26.18
N HIS A 51 -2.40 -7.12 25.85
CA HIS A 51 -2.52 -5.69 25.49
C HIS A 51 -3.10 -5.45 24.07
N VAL A 52 -3.34 -6.52 23.30
CA VAL A 52 -3.96 -6.45 21.97
C VAL A 52 -5.45 -6.86 21.97
N VAL A 53 -5.86 -7.72 22.90
CA VAL A 53 -7.21 -8.31 22.89
C VAL A 53 -8.28 -7.30 23.33
N ILE A 54 -9.39 -7.27 22.59
CA ILE A 54 -10.58 -6.49 22.93
C ILE A 54 -11.61 -7.46 23.48
N GLY A 55 -12.24 -7.11 24.60
CA GLY A 55 -13.28 -7.96 25.21
C GLY A 55 -14.50 -8.08 24.33
N PRO A 56 -15.23 -9.21 24.42
CA PRO A 56 -16.34 -9.48 23.50
C PRO A 56 -17.49 -8.46 23.56
N SER A 57 -17.91 -8.08 24.77
CA SER A 57 -19.00 -7.12 24.96
C SER A 57 -18.56 -5.64 24.87
N SER A 58 -17.27 -5.38 24.63
CA SER A 58 -16.76 -4.01 24.41
C SER A 58 -16.56 -3.68 22.90
N LEU A 59 -17.04 -4.55 22.01
CA LEU A 59 -17.04 -4.31 20.57
C LEU A 59 -18.38 -4.74 19.99
N ILE A 60 -18.98 -3.87 19.18
CA ILE A 60 -20.22 -4.16 18.46
C ILE A 60 -19.87 -4.18 16.98
N VAL A 61 -20.08 -5.33 16.33
CA VAL A 61 -19.83 -5.50 14.90
C VAL A 61 -21.16 -5.43 14.15
N HIS A 62 -21.30 -4.42 13.29
CA HIS A 62 -22.53 -4.26 12.51
C HIS A 62 -22.40 -5.10 11.25
N PHE A 63 -22.79 -6.37 11.36
CA PHE A 63 -22.69 -7.32 10.25
C PHE A 63 -23.65 -7.02 9.10
N ASN A 64 -24.71 -6.27 9.39
CA ASN A 64 -25.65 -5.79 8.36
C ASN A 64 -25.16 -4.52 7.60
N GLU A 65 -23.98 -4.01 7.94
CA GLU A 65 -23.38 -2.86 7.27
C GLU A 65 -21.99 -3.23 6.74
N VAL A 66 -21.95 -3.76 5.53
CA VAL A 66 -20.72 -4.20 4.89
C VAL A 66 -19.98 -3.00 4.34
N ILE A 67 -18.68 -2.92 4.61
CA ILE A 67 -17.80 -1.91 3.99
C ILE A 67 -17.29 -2.47 2.67
N GLY A 68 -16.81 -3.70 2.69
CA GLY A 68 -16.27 -4.32 1.48
C GLY A 68 -15.82 -5.75 1.70
N ARG A 69 -15.56 -6.44 0.59
CA ARG A 69 -15.19 -7.85 0.57
C ARG A 69 -13.76 -8.00 0.07
N GLY A 70 -13.01 -8.90 0.70
CA GLY A 70 -11.69 -9.32 0.24
C GLY A 70 -11.65 -10.83 0.06
N HIS A 71 -10.52 -11.34 -0.44
CA HIS A 71 -10.34 -12.79 -0.66
C HIS A 71 -10.28 -13.58 0.66
N PHE A 72 -9.71 -12.99 1.70
CA PHE A 72 -9.50 -13.66 3.00
C PHE A 72 -10.48 -13.23 4.11
N GLY A 73 -11.33 -12.25 3.83
CA GLY A 73 -12.33 -11.82 4.80
C GLY A 73 -13.19 -10.66 4.35
N CYS A 74 -14.32 -10.51 5.03
CA CYS A 74 -15.26 -9.43 4.76
C CYS A 74 -15.06 -8.34 5.81
N VAL A 75 -15.16 -7.09 5.39
CA VAL A 75 -14.93 -5.94 6.28
C VAL A 75 -16.26 -5.23 6.53
N TYR A 76 -16.54 -4.94 7.79
CA TYR A 76 -17.80 -4.36 8.24
C TYR A 76 -17.56 -3.14 9.13
N HIS A 77 -18.58 -2.28 9.24
CA HIS A 77 -18.56 -1.17 10.20
C HIS A 77 -18.68 -1.72 11.62
N GLY A 78 -18.08 -1.02 12.58
CA GLY A 78 -18.14 -1.41 13.99
C GLY A 78 -18.03 -0.25 14.95
N THR A 79 -18.49 -0.48 16.18
CA THR A 79 -18.37 0.47 17.28
C THR A 79 -17.52 -0.18 18.37
N LEU A 80 -16.37 0.42 18.64
CA LEU A 80 -15.46 -0.05 19.69
C LEU A 80 -15.79 0.73 20.97
N LEU A 81 -16.00 0.01 22.07
CA LEU A 81 -16.43 0.60 23.34
C LEU A 81 -15.38 0.42 24.42
N GLY A 85 -15.49 3.79 29.28
CA GLY A 85 -16.60 4.18 28.34
C GLY A 85 -16.10 4.67 27.00
N LYS A 86 -16.87 5.59 26.41
CA LYS A 86 -16.58 6.21 25.09
C LYS A 86 -16.70 5.25 23.90
N LYS A 87 -17.34 5.73 22.83
CA LYS A 87 -17.58 4.96 21.60
C LYS A 87 -16.78 5.55 20.44
N ILE A 88 -16.12 4.69 19.69
CA ILE A 88 -15.33 5.11 18.53
C ILE A 88 -15.66 4.22 17.34
N HIS A 89 -15.77 4.84 16.17
CA HIS A 89 -16.14 4.15 14.94
C HIS A 89 -14.93 3.43 14.37
N CYS A 90 -15.12 2.20 13.92
CA CYS A 90 -14.02 1.35 13.43
C CYS A 90 -14.43 0.45 12.28
N ALA A 91 -13.43 -0.09 11.58
CA ALA A 91 -13.62 -1.13 10.56
C ALA A 91 -13.22 -2.48 11.14
N VAL A 92 -14.07 -3.49 10.94
CA VAL A 92 -13.87 -4.82 11.52
C VAL A 92 -13.79 -5.84 10.40
N LYS A 93 -12.64 -6.49 10.24
CA LYS A 93 -12.48 -7.54 9.25
C LYS A 93 -12.64 -8.92 9.89
N SER A 94 -13.59 -9.70 9.36
CA SER A 94 -13.84 -11.05 9.84
C SER A 94 -13.11 -12.04 8.95
N LEU A 95 -12.07 -12.67 9.49
CA LEU A 95 -11.26 -13.66 8.75
C LEU A 95 -11.99 -15.00 8.73
N ASN A 96 -11.47 -15.97 7.97
CA ASN A 96 -12.06 -17.31 7.89
C ASN A 96 -11.96 -18.05 9.22
N ILE A 101 -5.65 -24.69 15.62
CA ILE A 101 -4.92 -24.14 16.81
C ILE A 101 -3.60 -23.45 16.39
N GLY A 102 -2.87 -24.08 15.46
CA GLY A 102 -1.68 -23.47 14.86
C GLY A 102 -1.97 -22.14 14.17
N GLU A 103 -3.13 -22.05 13.54
CA GLU A 103 -3.60 -20.79 12.93
C GLU A 103 -4.02 -19.76 13.99
N VAL A 104 -4.59 -20.24 15.10
CA VAL A 104 -4.96 -19.36 16.22
C VAL A 104 -3.71 -18.75 16.86
N SER A 105 -2.68 -19.57 17.08
CA SER A 105 -1.38 -19.09 17.58
C SER A 105 -0.77 -18.03 16.68
N GLN A 106 -0.85 -18.26 15.37
CA GLN A 106 -0.34 -17.30 14.37
C GLN A 106 -1.19 -16.02 14.32
N PHE A 107 -2.50 -16.14 14.48
CA PHE A 107 -3.41 -14.98 14.55
C PHE A 107 -3.08 -14.07 15.75
N LEU A 108 -2.86 -14.68 16.92
CA LEU A 108 -2.44 -13.94 18.12
C LEU A 108 -1.05 -13.32 17.94
N THR A 109 -0.11 -14.11 17.41
CA THR A 109 1.26 -13.66 17.18
C THR A 109 1.34 -12.49 16.21
N GLU A 110 0.59 -12.60 15.10
CA GLU A 110 0.50 -11.51 14.14
C GLU A 110 -0.11 -10.25 14.76
N GLY A 111 -1.07 -10.42 15.66
CA GLY A 111 -1.66 -9.31 16.40
C GLY A 111 -0.66 -8.52 17.23
N ILE A 112 0.20 -9.25 17.95
CA ILE A 112 1.22 -8.62 18.82
C ILE A 112 2.22 -7.83 17.98
N ILE A 113 2.70 -8.44 16.90
CA ILE A 113 3.67 -7.82 16.00
C ILE A 113 3.08 -6.54 15.40
N MET A 114 1.85 -6.65 14.92
CA MET A 114 1.13 -5.54 14.29
C MET A 114 0.82 -4.40 15.27
N LYS A 115 0.55 -4.75 16.53
CA LYS A 115 0.29 -3.74 17.58
C LYS A 115 1.51 -2.88 17.93
N ASP A 116 2.72 -3.40 17.70
CA ASP A 116 3.96 -2.63 17.91
C ASP A 116 4.15 -1.49 16.88
N PHE A 117 3.62 -1.66 15.67
CA PHE A 117 3.77 -0.64 14.62
C PHE A 117 2.85 0.55 14.85
N SER A 118 3.42 1.65 15.36
CA SER A 118 2.69 2.87 15.64
C SER A 118 3.33 4.06 14.93
N HIS A 119 2.63 4.61 13.95
CA HIS A 119 3.14 5.74 13.17
C HIS A 119 1.96 6.41 12.45
N PRO A 120 1.95 7.75 12.34
CA PRO A 120 0.83 8.46 11.68
C PRO A 120 0.55 8.10 10.21
N ASN A 121 1.56 7.62 9.49
CA ASN A 121 1.40 7.16 8.11
C ASN A 121 1.36 5.64 7.91
N VAL A 122 1.02 4.92 8.98
CA VAL A 122 0.86 3.47 8.95
C VAL A 122 -0.48 3.14 9.61
N LEU A 123 -1.26 2.25 8.99
CA LEU A 123 -2.53 1.83 9.56
C LEU A 123 -2.27 1.09 10.86
N SER A 124 -2.87 1.58 11.94
CA SER A 124 -2.69 1.01 13.28
C SER A 124 -3.68 -0.11 13.51
N LEU A 125 -3.30 -1.06 14.37
CA LEU A 125 -4.22 -2.08 14.83
C LEU A 125 -4.81 -1.60 16.15
N LEU A 126 -6.14 -1.52 16.22
CA LEU A 126 -6.83 -1.13 17.46
C LEU A 126 -6.89 -2.32 18.41
N GLY A 127 -7.15 -3.50 17.86
CA GLY A 127 -7.12 -4.74 18.63
C GLY A 127 -7.68 -5.92 17.86
N ILE A 128 -7.76 -7.08 18.52
CA ILE A 128 -8.31 -8.30 17.94
C ILE A 128 -9.34 -8.93 18.86
N CYS A 129 -10.16 -9.81 18.29
CA CYS A 129 -11.23 -10.47 19.02
C CYS A 129 -11.50 -11.85 18.42
N LEU A 130 -11.50 -12.87 19.28
CA LEU A 130 -11.83 -14.24 18.86
C LEU A 130 -12.75 -14.87 19.91
N PRO A 136 -12.62 -14.80 14.35
CA PRO A 136 -11.32 -14.14 14.24
C PRO A 136 -11.45 -12.73 13.63
N LEU A 137 -11.62 -11.73 14.49
CA LEU A 137 -11.93 -10.37 14.07
C LEU A 137 -10.73 -9.43 14.22
N VAL A 138 -10.49 -8.62 13.20
CA VAL A 138 -9.41 -7.64 13.19
C VAL A 138 -10.02 -6.24 13.25
N VAL A 139 -9.75 -5.53 14.34
CA VAL A 139 -10.33 -4.21 14.57
C VAL A 139 -9.33 -3.11 14.18
N LEU A 140 -9.70 -2.34 13.15
CA LEU A 140 -8.86 -1.31 12.56
C LEU A 140 -9.61 0.02 12.55
N PRO A 141 -8.88 1.16 12.43
CA PRO A 141 -9.58 2.45 12.34
C PRO A 141 -10.29 2.61 11.02
N TYR A 142 -11.50 3.18 11.07
CA TYR A 142 -12.27 3.44 9.86
C TYR A 142 -11.58 4.55 9.07
N MET A 143 -11.36 4.31 7.78
CA MET A 143 -10.75 5.30 6.90
C MET A 143 -11.86 5.95 6.08
N LYS A 144 -12.22 7.19 6.43
CA LYS A 144 -13.33 7.91 5.81
C LYS A 144 -13.26 7.93 4.28
N HIS A 145 -12.07 8.19 3.74
CA HIS A 145 -11.90 8.33 2.27
C HIS A 145 -11.42 7.08 1.54
N GLY A 146 -11.50 5.92 2.19
CA GLY A 146 -11.18 4.65 1.55
C GLY A 146 -9.74 4.54 1.04
N ASP A 147 -9.56 3.78 -0.02
CA ASP A 147 -8.22 3.55 -0.56
C ASP A 147 -7.75 4.73 -1.41
N LEU A 148 -6.45 4.94 -1.41
CA LEU A 148 -5.84 6.09 -2.08
C LEU A 148 -6.07 6.11 -3.60
N ARG A 149 -6.08 4.95 -4.24
CA ARG A 149 -6.28 4.90 -5.70
C ARG A 149 -7.68 5.41 -6.12
N ASN A 150 -8.71 4.88 -5.48
CA ASN A 150 -10.09 5.35 -5.74
C ASN A 150 -10.26 6.83 -5.43
N PHE A 151 -9.59 7.31 -4.38
CA PHE A 151 -9.68 8.73 -4.01
C PHE A 151 -9.17 9.65 -5.12
N ILE A 152 -7.95 9.38 -5.62
CA ILE A 152 -7.36 10.22 -6.68
C ILE A 152 -8.08 10.08 -8.05
N ARG A 153 -8.68 8.92 -8.32
CA ARG A 153 -9.42 8.69 -9.55
C ARG A 153 -10.76 9.41 -9.58
N ASN A 154 -11.35 9.64 -8.41
CA ASN A 154 -12.68 10.24 -8.32
C ASN A 154 -12.68 11.61 -8.99
N GLU A 155 -13.50 11.73 -10.02
CA GLU A 155 -13.64 12.95 -10.82
C GLU A 155 -14.18 14.16 -10.03
N THR A 156 -14.87 13.94 -8.92
CA THR A 156 -15.35 15.03 -8.08
C THR A 156 -14.25 15.64 -7.17
N HIS A 157 -13.07 15.01 -7.10
CA HIS A 157 -11.94 15.55 -6.35
C HIS A 157 -11.04 16.36 -7.26
N ASN A 158 -10.47 17.43 -6.71
CA ASN A 158 -9.68 18.41 -7.46
C ASN A 158 -8.28 18.58 -6.86
N PRO A 159 -7.46 17.50 -6.88
CA PRO A 159 -6.11 17.59 -6.34
C PRO A 159 -5.15 18.50 -7.13
N THR A 160 -4.24 19.15 -6.42
CA THR A 160 -3.14 19.90 -7.03
C THR A 160 -1.88 19.03 -7.11
N VAL A 161 -0.85 19.51 -7.80
CA VAL A 161 0.43 18.81 -7.82
C VAL A 161 0.94 18.65 -6.37
N LYS A 162 0.89 19.74 -5.61
CA LYS A 162 1.29 19.73 -4.20
C LYS A 162 0.57 18.64 -3.37
N ASP A 163 -0.76 18.56 -3.52
CA ASP A 163 -1.54 17.53 -2.83
C ASP A 163 -1.02 16.13 -3.11
N LEU A 164 -0.81 15.81 -4.38
CA LEU A 164 -0.44 14.44 -4.78
C LEU A 164 1.00 14.10 -4.38
N ILE A 165 1.91 15.05 -4.54
CA ILE A 165 3.29 14.89 -4.06
C ILE A 165 3.27 14.74 -2.51
N GLY A 166 2.38 15.49 -1.86
CA GLY A 166 2.15 15.36 -0.43
C GLY A 166 1.73 13.96 0.00
N PHE A 167 0.82 13.34 -0.75
CA PHE A 167 0.42 11.96 -0.50
C PHE A 167 1.61 11.02 -0.64
N GLY A 168 2.41 11.23 -1.69
CA GLY A 168 3.62 10.44 -1.92
C GLY A 168 4.62 10.57 -0.79
N LEU A 169 4.81 11.80 -0.31
CA LEU A 169 5.68 12.08 0.83
C LEU A 169 5.20 11.35 2.08
N GLN A 170 3.88 11.33 2.32
CA GLN A 170 3.31 10.61 3.45
C GLN A 170 3.57 9.10 3.39
N VAL A 171 3.38 8.52 2.19
CA VAL A 171 3.67 7.11 1.97
C VAL A 171 5.15 6.82 2.27
N ALA A 172 6.04 7.68 1.77
CA ALA A 172 7.48 7.56 2.03
C ALA A 172 7.82 7.59 3.52
N LYS A 173 7.14 8.43 4.28
CA LYS A 173 7.33 8.47 5.74
C LYS A 173 6.86 7.17 6.40
N GLY A 174 5.73 6.65 5.95
CA GLY A 174 5.22 5.36 6.44
C GLY A 174 6.20 4.23 6.14
N MET A 175 6.70 4.19 4.91
CA MET A 175 7.66 3.15 4.51
C MET A 175 9.01 3.29 5.19
N LYS A 176 9.47 4.52 5.42
CA LYS A 176 10.67 4.76 6.21
C LYS A 176 10.53 4.14 7.60
N TYR A 177 9.39 4.32 8.23
CA TYR A 177 9.13 3.72 9.53
C TYR A 177 9.15 2.19 9.46
N LEU A 178 8.40 1.61 8.52
CA LEU A 178 8.31 0.14 8.38
C LEU A 178 9.65 -0.48 8.03
N ALA A 179 10.38 0.14 7.11
CA ALA A 179 11.74 -0.29 6.76
C ALA A 179 12.70 -0.27 7.97
N SER A 180 12.53 0.73 8.86
CA SER A 180 13.32 0.81 10.10
C SER A 180 13.01 -0.31 11.10
N LYS A 181 11.81 -0.91 11.00
CA LYS A 181 11.46 -2.12 11.75
C LYS A 181 11.84 -3.42 11.02
N LYS A 182 12.59 -3.31 9.92
CA LYS A 182 12.96 -4.44 9.07
C LYS A 182 11.75 -5.15 8.46
N PHE A 183 10.66 -4.42 8.27
CA PHE A 183 9.46 -4.98 7.69
C PHE A 183 9.44 -4.70 6.19
N VAL A 184 9.33 -5.76 5.39
CA VAL A 184 9.20 -5.68 3.94
C VAL A 184 7.71 -5.82 3.62
N HIS A 185 7.14 -4.83 2.93
CA HIS A 185 5.70 -4.82 2.64
C HIS A 185 5.29 -5.90 1.62
N ARG A 186 6.03 -5.97 0.50
CA ARG A 186 5.81 -6.90 -0.63
C ARG A 186 4.68 -6.55 -1.62
N ASP A 187 3.85 -5.57 -1.28
CA ASP A 187 2.65 -5.23 -2.07
C ASP A 187 2.25 -3.76 -1.93
N LEU A 188 3.26 -2.88 -1.93
CA LEU A 188 3.02 -1.45 -1.91
C LEU A 188 2.43 -1.02 -3.26
N ALA A 189 1.29 -0.34 -3.19
CA ALA A 189 0.59 0.20 -4.35
C ALA A 189 -0.47 1.18 -3.83
N ALA A 190 -0.97 2.06 -4.69
CA ALA A 190 -1.97 3.06 -4.27
C ALA A 190 -3.27 2.43 -3.74
N ARG A 191 -3.69 1.30 -4.32
CA ARG A 191 -4.87 0.55 -3.83
C ARG A 191 -4.73 0.06 -2.38
N ASN A 192 -3.49 -0.14 -1.92
CA ASN A 192 -3.20 -0.67 -0.60
C ASN A 192 -2.86 0.36 0.48
N CYS A 193 -2.99 1.65 0.14
CA CYS A 193 -2.88 2.73 1.10
C CYS A 193 -4.25 3.33 1.27
N MET A 194 -4.50 3.89 2.45
CA MET A 194 -5.81 4.45 2.77
C MET A 194 -5.70 5.88 3.28
N LEU A 195 -6.83 6.57 3.28
CA LEU A 195 -6.89 8.00 3.56
C LEU A 195 -7.99 8.27 4.59
N ASP A 196 -7.65 8.98 5.66
CA ASP A 196 -8.59 9.27 6.75
C ASP A 196 -9.25 10.64 6.55
N GLU A 197 -10.04 11.06 7.54
CA GLU A 197 -10.82 12.32 7.44
C GLU A 197 -9.99 13.63 7.40
N LYS A 198 -8.72 13.55 7.83
CA LYS A 198 -7.77 14.68 7.71
C LYS A 198 -6.87 14.56 6.47
N PHE A 199 -7.19 13.64 5.56
CA PHE A 199 -6.37 13.33 4.40
C PHE A 199 -4.94 12.89 4.77
N THR A 200 -4.83 12.18 5.90
CA THR A 200 -3.59 11.54 6.30
C THR A 200 -3.57 10.15 5.66
N VAL A 201 -2.54 9.90 4.86
CA VAL A 201 -2.36 8.64 4.15
C VAL A 201 -1.74 7.63 5.10
N LYS A 202 -2.31 6.43 5.12
CA LYS A 202 -1.79 5.34 5.91
C LYS A 202 -1.44 4.15 5.01
N VAL A 203 -0.18 3.73 5.08
CA VAL A 203 0.24 2.48 4.45
C VAL A 203 -0.53 1.39 5.17
N ALA A 204 -1.23 0.54 4.42
CA ALA A 204 -2.10 -0.48 4.99
C ALA A 204 -1.81 -1.83 4.33
N ASP A 205 -2.78 -2.75 4.33
CA ASP A 205 -2.63 -4.04 3.66
C ASP A 205 -1.38 -4.82 4.11
N PHE A 206 -1.16 -4.89 5.41
CA PHE A 206 -0.08 -5.71 5.97
C PHE A 206 -0.57 -6.40 7.23
N GLY A 207 0.17 -7.42 7.64
CA GLY A 207 -0.17 -8.19 8.83
C GLY A 207 -1.52 -8.87 8.67
N LEU A 208 -2.37 -8.73 9.69
CA LEU A 208 -3.71 -9.31 9.66
C LEU A 208 -4.68 -8.61 8.68
N ALA A 209 -4.32 -7.42 8.22
CA ALA A 209 -5.08 -6.73 7.17
C ALA A 209 -4.64 -7.08 5.74
N ARG A 210 -3.74 -8.05 5.58
CA ARG A 210 -3.23 -8.45 4.27
C ARG A 210 -4.31 -9.12 3.42
N ASP A 211 -4.48 -8.63 2.20
CA ASP A 211 -5.46 -9.23 1.28
C ASP A 211 -5.17 -8.87 -0.17
N MET A 212 -5.93 -9.50 -1.05
CA MET A 212 -6.01 -9.15 -2.46
C MET A 212 -7.26 -8.27 -2.62
N TYR A 213 -7.09 -6.96 -2.45
CA TYR A 213 -8.23 -6.03 -2.45
C TYR A 213 -8.77 -5.62 -3.83
N ASP A 214 -7.97 -5.79 -4.88
CA ASP A 214 -8.44 -5.69 -6.26
C ASP A 214 -7.79 -6.80 -7.08
N LYS A 215 -8.58 -7.82 -7.41
CA LYS A 215 -8.08 -9.03 -8.07
C LYS A 215 -7.58 -8.82 -9.49
N GLU A 216 -8.00 -7.73 -10.15
CA GLU A 216 -7.48 -7.34 -11.48
C GLU A 216 -5.96 -7.31 -11.61
N TYR A 217 -5.27 -6.88 -10.55
CA TYR A 217 -3.82 -6.62 -10.62
C TYR A 217 -2.93 -7.69 -9.96
N TYR A 218 -3.43 -8.92 -9.88
CA TYR A 218 -2.65 -10.06 -9.37
C TYR A 218 -2.64 -11.17 -10.41
N SER A 219 -1.45 -11.60 -10.82
CA SER A 219 -1.27 -12.57 -11.89
C SER A 219 -0.64 -13.84 -11.34
N VAL A 220 -1.10 -14.99 -11.85
CA VAL A 220 -0.68 -16.29 -11.34
C VAL A 220 0.64 -16.70 -11.99
N HIS A 221 1.64 -17.01 -11.17
CA HIS A 221 2.89 -17.55 -11.70
C HIS A 221 2.66 -18.99 -12.14
N ASN A 222 2.97 -19.28 -13.40
CA ASN A 222 2.60 -20.56 -14.04
C ASN A 222 3.10 -21.83 -13.33
N LYS A 223 4.24 -21.74 -12.65
CA LYS A 223 4.79 -22.88 -11.90
C LYS A 223 4.31 -22.92 -10.44
N THR A 224 4.58 -21.86 -9.68
CA THR A 224 4.37 -21.83 -8.23
C THR A 224 2.91 -21.56 -7.82
N GLY A 225 2.13 -20.99 -8.74
CA GLY A 225 0.73 -20.68 -8.49
C GLY A 225 0.46 -19.45 -7.63
N ALA A 226 1.50 -18.69 -7.30
CA ALA A 226 1.35 -17.51 -6.45
C ALA A 226 0.74 -16.38 -7.27
N LYS A 227 -0.24 -15.69 -6.69
CA LYS A 227 -0.89 -14.54 -7.33
C LYS A 227 -0.14 -13.29 -6.91
N LEU A 228 0.55 -12.65 -7.85
CA LEU A 228 1.50 -11.59 -7.53
C LEU A 228 1.23 -10.29 -8.31
N PRO A 229 1.49 -9.13 -7.67
CA PRO A 229 1.22 -7.84 -8.28
C PRO A 229 2.33 -7.42 -9.26
N VAL A 230 2.37 -8.07 -10.42
CA VAL A 230 3.54 -8.01 -11.32
C VAL A 230 3.89 -6.62 -11.84
N LYS A 231 2.88 -5.77 -12.02
CA LYS A 231 3.11 -4.41 -12.49
C LYS A 231 3.82 -3.49 -11.47
N TRP A 232 3.89 -3.90 -10.20
CA TRP A 232 4.58 -3.13 -9.14
C TRP A 232 5.91 -3.76 -8.71
N MET A 233 6.25 -4.90 -9.28
CA MET A 233 7.37 -5.70 -8.79
C MET A 233 8.68 -5.34 -9.45
N ALA A 234 9.74 -5.39 -8.65
CA ALA A 234 11.09 -5.17 -9.14
C ALA A 234 11.50 -6.26 -10.11
N LEU A 235 12.35 -5.88 -11.05
CA LEU A 235 12.92 -6.80 -12.02
C LEU A 235 13.47 -8.08 -11.36
N GLU A 236 14.19 -7.94 -10.25
CA GLU A 236 14.72 -9.12 -9.54
C GLU A 236 13.66 -10.00 -8.88
N SER A 237 12.59 -9.39 -8.36
CA SER A 237 11.47 -10.14 -7.76
C SER A 237 10.62 -10.88 -8.79
N LEU A 238 10.46 -10.27 -9.97
CA LEU A 238 9.81 -10.95 -11.10
C LEU A 238 10.46 -12.28 -11.45
N GLN A 239 11.79 -12.33 -11.30
CA GLN A 239 12.57 -13.50 -11.65
C GLN A 239 12.73 -14.51 -10.52
N THR A 240 12.81 -14.04 -9.26
CA THR A 240 13.05 -14.90 -8.10
C THR A 240 11.86 -15.07 -7.14
N GLN A 241 10.87 -14.19 -7.24
CA GLN A 241 9.79 -14.06 -6.26
C GLN A 241 10.28 -13.87 -4.80
N LYS A 242 11.45 -13.23 -4.65
CA LYS A 242 11.96 -12.81 -3.35
C LYS A 242 11.76 -11.31 -3.27
N PHE A 243 11.46 -10.82 -2.06
CA PHE A 243 11.17 -9.42 -1.84
C PHE A 243 12.09 -8.85 -0.76
N THR A 244 12.48 -7.58 -0.93
CA THR A 244 13.34 -6.87 0.01
C THR A 244 12.82 -5.44 0.15
N THR A 245 13.43 -4.68 1.07
CA THR A 245 13.13 -3.24 1.17
C THR A 245 13.45 -2.52 -0.15
N LYS A 246 14.52 -2.92 -0.82
CA LYS A 246 14.85 -2.33 -2.13
C LYS A 246 13.82 -2.66 -3.23
N SER A 247 13.14 -3.80 -3.13
CA SER A 247 12.03 -4.09 -4.06
C SER A 247 10.77 -3.30 -3.68
N ASP A 248 10.57 -3.01 -2.38
CA ASP A 248 9.56 -2.04 -1.95
C ASP A 248 9.83 -0.63 -2.55
N VAL A 249 11.10 -0.24 -2.66
CA VAL A 249 11.48 1.06 -3.26
C VAL A 249 11.02 1.15 -4.72
N TRP A 250 11.25 0.08 -5.48
CA TRP A 250 10.73 -0.02 -6.85
C TRP A 250 9.22 0.21 -6.88
N SER A 251 8.49 -0.53 -6.05
CA SER A 251 7.04 -0.42 -5.97
C SER A 251 6.60 0.99 -5.62
N PHE A 252 7.34 1.64 -4.73
CA PHE A 252 7.06 3.03 -4.35
C PHE A 252 7.16 3.99 -5.53
N GLY A 253 8.14 3.76 -6.42
CA GLY A 253 8.28 4.49 -7.66
C GLY A 253 7.05 4.37 -8.55
N VAL A 254 6.54 3.16 -8.68
CA VAL A 254 5.29 2.91 -9.41
C VAL A 254 4.12 3.64 -8.73
N LEU A 255 4.05 3.58 -7.40
CA LEU A 255 3.02 4.31 -6.64
C LEU A 255 3.06 5.81 -6.90
N LEU A 256 4.27 6.39 -6.97
CA LEU A 256 4.41 7.80 -7.31
C LEU A 256 3.84 8.08 -8.69
N TRP A 257 4.14 7.19 -9.65
CA TRP A 257 3.57 7.29 -11.00
C TRP A 257 2.03 7.25 -10.96
N GLU A 258 1.48 6.34 -10.16
CA GLU A 258 0.02 6.27 -9.97
C GLU A 258 -0.54 7.59 -9.45
N LEU A 259 0.14 8.17 -8.45
CA LEU A 259 -0.30 9.46 -7.90
C LEU A 259 -0.37 10.55 -8.96
N MET A 260 0.70 10.70 -9.73
CA MET A 260 0.78 11.81 -10.69
C MET A 260 -0.11 11.59 -11.92
N THR A 261 -0.53 10.35 -12.18
CA THR A 261 -1.52 10.05 -13.21
C THR A 261 -2.96 10.00 -12.68
N ARG A 262 -3.16 10.25 -11.37
CA ARG A 262 -4.47 10.11 -10.73
C ARG A 262 -5.07 8.71 -10.91
N GLY A 263 -4.24 7.68 -10.73
CA GLY A 263 -4.69 6.30 -10.66
C GLY A 263 -4.85 5.54 -11.98
N ALA A 264 -4.10 5.93 -12.99
CA ALA A 264 -4.02 5.13 -14.22
C ALA A 264 -3.35 3.78 -13.91
N PRO A 265 -3.74 2.71 -14.62
CA PRO A 265 -3.04 1.43 -14.43
C PRO A 265 -1.65 1.47 -15.09
N PRO A 266 -0.59 1.02 -14.38
CA PRO A 266 0.74 1.00 -15.01
C PRO A 266 0.81 -0.02 -16.15
N TYR A 267 1.52 0.33 -17.23
CA TYR A 267 1.71 -0.56 -18.40
C TYR A 267 0.44 -1.24 -18.97
N PRO A 268 -0.50 -0.44 -19.51
CA PRO A 268 -1.73 -1.01 -20.11
C PRO A 268 -1.50 -2.17 -21.09
N ASP A 269 -2.24 -3.28 -20.91
CA ASP A 269 -2.11 -4.52 -21.71
C ASP A 269 -0.76 -5.28 -21.57
N VAL A 270 -0.01 -5.03 -20.49
CA VAL A 270 1.12 -5.87 -20.08
C VAL A 270 0.78 -6.33 -18.65
N ASN A 271 0.18 -7.52 -18.56
CA ASN A 271 -0.49 -8.01 -17.33
C ASN A 271 0.13 -9.25 -16.68
N THR A 272 1.04 -9.94 -17.36
CA THR A 272 1.64 -11.18 -16.86
C THR A 272 3.11 -10.96 -16.49
N PHE A 273 3.81 -12.05 -16.17
CA PHE A 273 5.27 -12.05 -15.96
C PHE A 273 6.09 -11.68 -17.22
N ASP A 274 5.45 -11.64 -18.38
CA ASP A 274 6.03 -11.04 -19.61
C ASP A 274 6.38 -9.53 -19.47
N ILE A 275 5.91 -8.85 -18.41
CA ILE A 275 6.46 -7.55 -17.98
C ILE A 275 8.00 -7.56 -17.85
N THR A 276 8.57 -8.70 -17.45
CA THR A 276 10.02 -8.87 -17.34
C THR A 276 10.71 -8.61 -18.68
N VAL A 277 10.20 -9.23 -19.74
CA VAL A 277 10.73 -9.04 -21.09
C VAL A 277 10.60 -7.57 -21.48
N TYR A 278 9.43 -6.99 -21.24
CA TYR A 278 9.14 -5.59 -21.55
C TYR A 278 10.16 -4.66 -20.91
N LEU A 279 10.38 -4.84 -19.61
CA LEU A 279 11.36 -4.06 -18.87
C LEU A 279 12.78 -4.25 -19.42
N LEU A 280 13.15 -5.49 -19.73
CA LEU A 280 14.49 -5.81 -20.25
C LEU A 280 14.73 -5.37 -21.70
N GLN A 281 13.73 -4.81 -22.37
CA GLN A 281 13.97 -4.12 -23.64
C GLN A 281 14.60 -2.72 -23.44
N GLY A 282 14.66 -2.25 -22.19
CA GLY A 282 15.20 -0.93 -21.87
C GLY A 282 14.09 0.10 -21.68
N ARG A 283 13.05 -0.28 -20.93
CA ARG A 283 11.84 0.53 -20.79
C ARG A 283 11.50 0.80 -19.33
N ARG A 284 10.89 1.97 -19.11
CA ARG A 284 10.30 2.33 -17.82
C ARG A 284 8.99 3.06 -18.11
N LEU A 285 8.14 3.16 -17.09
CA LEU A 285 6.93 4.00 -17.16
C LEU A 285 7.29 5.42 -17.63
N LEU A 286 6.48 5.98 -18.52
CA LEU A 286 6.69 7.33 -19.06
C LEU A 286 6.38 8.39 -18.01
N GLN A 287 6.96 9.59 -18.17
CA GLN A 287 6.70 10.72 -17.27
C GLN A 287 5.26 11.25 -17.44
N PRO A 288 4.45 11.22 -16.37
CA PRO A 288 3.09 11.78 -16.48
C PRO A 288 3.09 13.27 -16.81
N GLU A 289 2.07 13.73 -17.53
CA GLU A 289 1.96 15.13 -17.93
C GLU A 289 2.14 16.14 -16.78
N TYR A 290 1.62 15.82 -15.60
CA TYR A 290 1.69 16.75 -14.45
C TYR A 290 2.78 16.41 -13.42
N CYS A 291 3.64 15.44 -13.75
CA CYS A 291 4.77 15.09 -12.89
C CYS A 291 5.94 16.04 -13.17
N PRO A 292 6.40 16.80 -12.15
CA PRO A 292 7.59 17.66 -12.33
C PRO A 292 8.84 16.85 -12.65
N ASP A 293 9.78 17.44 -13.37
CA ASP A 293 11.01 16.74 -13.77
C ASP A 293 11.77 16.11 -12.61
N PRO A 294 11.97 16.86 -11.50
CA PRO A 294 12.66 16.28 -10.34
C PRO A 294 12.01 15.02 -9.77
N LEU A 295 10.67 14.97 -9.75
CA LEU A 295 9.99 13.78 -9.23
C LEU A 295 10.14 12.59 -10.19
N TYR A 296 10.15 12.84 -11.49
CA TYR A 296 10.40 11.74 -12.43
C TYR A 296 11.81 11.19 -12.27
N GLU A 297 12.78 12.08 -12.07
CA GLU A 297 14.15 11.65 -11.74
C GLU A 297 14.18 10.74 -10.50
N VAL A 298 13.37 11.09 -9.50
CA VAL A 298 13.22 10.24 -8.31
C VAL A 298 12.64 8.86 -8.66
N MET A 299 11.62 8.83 -9.52
CA MET A 299 11.01 7.55 -9.94
C MET A 299 12.04 6.67 -10.65
N LEU A 300 12.85 7.28 -11.52
CA LEU A 300 13.88 6.53 -12.25
C LEU A 300 14.95 5.95 -11.32
N LYS A 301 15.26 6.65 -10.22
CA LYS A 301 16.16 6.13 -9.19
C LYS A 301 15.55 4.94 -8.44
N CYS A 302 14.24 4.98 -8.19
CA CYS A 302 13.52 3.87 -7.57
C CYS A 302 13.55 2.59 -8.41
N TRP A 303 13.64 2.76 -9.73
CA TRP A 303 13.68 1.64 -10.67
C TRP A 303 15.09 1.33 -11.20
N HIS A 304 16.12 1.68 -10.43
CA HIS A 304 17.52 1.38 -10.79
C HIS A 304 17.66 -0.14 -10.99
N PRO A 305 18.31 -0.60 -12.07
CA PRO A 305 18.51 -2.04 -12.31
C PRO A 305 19.15 -2.80 -11.12
N LYS A 306 20.19 -2.21 -10.55
CA LYS A 306 20.83 -2.70 -9.32
C LYS A 306 20.08 -2.27 -8.05
N ALA A 307 19.50 -3.24 -7.35
CA ALA A 307 18.74 -3.00 -6.11
C ALA A 307 19.48 -2.14 -5.09
N GLU A 308 20.75 -2.47 -4.86
CA GLU A 308 21.59 -1.72 -3.90
C GLU A 308 21.85 -0.24 -4.25
N MET A 309 21.69 0.14 -5.52
CA MET A 309 21.83 1.54 -5.95
C MET A 309 20.54 2.34 -5.82
N ARG A 310 19.42 1.71 -5.51
CA ARG A 310 18.16 2.43 -5.30
C ARG A 310 18.23 3.20 -3.98
N PRO A 311 17.53 4.35 -3.91
CA PRO A 311 17.56 5.15 -2.69
C PRO A 311 16.82 4.46 -1.53
N SER A 312 17.28 4.72 -0.32
CA SER A 312 16.56 4.31 0.86
C SER A 312 15.28 5.15 0.98
N PHE A 313 14.35 4.69 1.80
CA PHE A 313 13.16 5.49 2.10
C PHE A 313 13.50 6.77 2.86
N SER A 314 14.53 6.73 3.71
CA SER A 314 15.07 7.96 4.31
C SER A 314 15.45 8.99 3.24
N GLU A 315 16.19 8.54 2.23
CA GLU A 315 16.59 9.40 1.11
C GLU A 315 15.37 9.93 0.36
N LEU A 316 14.40 9.06 0.11
CA LEU A 316 13.17 9.46 -0.60
C LEU A 316 12.35 10.49 0.16
N VAL A 317 12.21 10.31 1.47
CA VAL A 317 11.56 11.31 2.32
C VAL A 317 12.28 12.66 2.19
N SER A 318 13.60 12.66 2.26
CA SER A 318 14.40 13.88 2.10
C SER A 318 14.15 14.55 0.74
N ARG A 319 14.31 13.78 -0.34
CA ARG A 319 14.21 14.30 -1.70
C ARG A 319 12.82 14.83 -2.05
N ILE A 320 11.80 14.05 -1.67
CA ILE A 320 10.42 14.40 -1.96
C ILE A 320 9.98 15.60 -1.12
N SER A 321 10.45 15.69 0.14
CA SER A 321 10.12 16.85 0.97
C SER A 321 10.60 18.17 0.35
N ALA A 322 11.78 18.15 -0.28
CA ALA A 322 12.32 19.32 -0.97
C ALA A 322 11.44 19.71 -2.15
N ILE A 323 11.12 18.72 -2.97
CA ILE A 323 10.30 18.95 -4.16
C ILE A 323 8.93 19.49 -3.74
N PHE A 324 8.30 18.81 -2.77
CA PHE A 324 7.02 19.25 -2.19
C PHE A 324 7.04 20.72 -1.76
N SER A 325 8.13 21.14 -1.12
CA SER A 325 8.22 22.49 -0.57
C SER A 325 8.27 23.60 -1.63
N THR A 326 8.53 23.26 -2.89
CA THR A 326 8.61 24.26 -3.95
C THR A 326 7.24 24.63 -4.52
N PHE A 327 6.22 23.82 -4.27
CA PHE A 327 4.86 24.04 -4.82
C PHE A 327 3.98 24.77 -3.83
N ILE A 328 3.03 25.56 -4.36
CA ILE A 328 2.14 26.38 -3.55
C ILE A 328 0.65 26.10 -3.77
N GLY A 329 0.31 25.01 -4.47
CA GLY A 329 -1.09 24.63 -4.71
C GLY A 329 -1.76 25.35 -5.87
N GLU A 330 -0.99 25.74 -6.88
CA GLU A 330 -1.51 26.45 -8.06
C GLU A 330 -1.74 25.53 -9.26
N HIS A 331 -1.15 24.35 -9.27
CA HIS A 331 -1.23 23.45 -10.43
C HIS A 331 -2.25 22.35 -10.20
N TYR A 332 -3.40 22.47 -10.85
CA TYR A 332 -4.43 21.44 -10.79
C TYR A 332 -4.04 20.26 -11.67
N VAL A 333 -4.21 19.04 -11.16
CA VAL A 333 -3.88 17.83 -11.91
C VAL A 333 -5.17 17.16 -12.43
N HIS A 334 -5.23 17.02 -13.75
CA HIS A 334 -6.38 16.49 -14.45
C HIS A 334 -6.05 15.11 -14.99
N VAL A 335 -7.08 14.32 -15.26
CA VAL A 335 -6.88 12.94 -15.69
C VAL A 335 -6.62 12.91 -17.21
N ASN A 336 -5.75 12.01 -17.62
CA ASN A 336 -5.34 11.85 -19.01
C ASN A 336 -6.47 11.18 -19.77
N ALA A 337 -6.85 11.77 -20.91
CA ALA A 337 -7.92 11.22 -21.77
C ALA A 337 -7.67 9.77 -22.21
N THR A 338 -6.41 9.40 -22.43
CA THR A 338 -6.05 8.05 -22.90
C THR A 338 -6.03 6.99 -21.79
N TYR A 339 -6.09 7.41 -20.51
CA TYR A 339 -6.20 6.50 -19.36
C TYR A 339 -7.61 6.33 -18.79
N VAL A 340 -8.54 7.23 -19.13
CA VAL A 340 -9.93 7.15 -18.63
C VAL A 340 -10.55 5.81 -19.03
N ASN A 341 -11.19 5.16 -18.05
CA ASN A 341 -11.88 3.87 -18.23
C ASN A 341 -10.99 2.65 -18.56
N VAL A 342 -9.66 2.78 -18.52
CA VAL A 342 -8.78 1.66 -18.90
C VAL A 342 -8.41 0.82 -17.67
N LYS A 343 -8.34 -0.49 -17.88
CA LYS A 343 -8.03 -1.47 -16.81
C LYS A 343 -6.53 -1.77 -16.74
C4 84S B . -8.97 -1.58 0.19
C5 84S B . -12.53 1.70 5.02
C6 84S B . -11.07 0.68 6.19
C7 84S B . -6.39 -2.12 3.47
C8 84S B . -7.95 -2.74 4.85
C10 84S B . -5.86 -1.69 2.25
C13 84S B . -8.60 -2.14 2.49
C15 84S B . -9.93 -1.76 5.71
C17 84S B . -14.72 4.63 1.72
C20 84S B . -9.79 -1.15 -3.29
C21 84S B . -9.27 -3.09 5.46
C1 84S B . -10.38 -1.67 0.10
C2 84S B . -8.57 -1.36 -1.11
C3 84S B . -12.29 0.50 4.37
C9 84S B . -10.10 0.20 7.11
C11 84S B . -9.52 -0.99 6.91
C12 84S B . -6.69 -1.49 1.21
C14 84S B . -8.11 -1.72 1.31
C16 84S B . -13.99 2.76 3.39
C18 84S B . -15.96 4.13 2.40
C19 84S B . -14.64 4.06 3.11
N22 84S B . -10.84 -1.53 -1.15
N23 84S B . -11.76 1.79 6.15
N24 84S B . -5.82 -2.39 4.62
N25 84S B . -6.80 -2.78 5.48
N26 84S B . -10.81 -1.33 4.86
N27 84S B . -11.35 -0.14 5.13
N28 84S B . -9.73 -1.34 -1.85
N29 84S B . -7.75 -2.32 3.57
N30 84S B . -13.41 2.70 4.63
O31 84S B . -14.01 1.84 2.58
F32 84S B . -9.99 -3.85 4.60
F33 84S B . -9.11 -3.83 6.58
CL CL C . 0.65 22.89 -6.96
#